data_1JR0
#
_entry.id   1JR0
#
_cell.length_a   102.098
_cell.length_b   66.064
_cell.length_c   78.565
_cell.angle_alpha   90.00
_cell.angle_beta   105.74
_cell.angle_gamma   90.00
#
_symmetry.space_group_name_H-M   'C 1 2 1'
#
loop_
_entity.id
_entity.type
_entity.pdbx_description
1 polymer 'cholera toxin B subunit'
2 non-polymer (3-NITRO-5-(2-MORPHOLIN-4-YL-ETHYLAMINOCARBONYL)PHENYL)-GALACTOPYRANOSIDE
3 water water
#
_entity_poly.entity_id   1
_entity_poly.type   'polypeptide(L)'
_entity_poly.pdbx_seq_one_letter_code
;TPQNITDLCAEYHNTQIHTLNDKIFSYTESLAGKREMAIITFKNGATFQVEVPGSQHIDSQKKAIERMKDTLRIAYLTEA
KVEKLCVWNNKTPHAIAAISMAN
;
_entity_poly.pdbx_strand_id   D,E,F,G,H
#
# COMPACT_ATOMS: atom_id res chain seq x y z
N THR A 1 29.03 -4.81 6.75
CA THR A 1 27.59 -4.99 7.00
C THR A 1 27.19 -6.46 6.91
N PRO A 2 26.16 -6.76 7.70
CA PRO A 2 25.60 -8.11 7.60
C PRO A 2 25.07 -8.38 6.18
N GLN A 3 25.10 -9.63 5.75
CA GLN A 3 24.59 -9.94 4.42
C GLN A 3 23.37 -10.85 4.48
N ASN A 4 22.92 -11.21 5.68
CA ASN A 4 21.79 -12.10 5.85
C ASN A 4 21.21 -11.95 7.24
N ILE A 5 20.02 -12.50 7.42
CA ILE A 5 19.34 -12.33 8.70
C ILE A 5 20.08 -12.91 9.89
N THR A 6 20.83 -14.01 9.70
CA THR A 6 21.52 -14.64 10.83
C THR A 6 22.62 -13.73 11.35
N ASP A 7 23.36 -13.16 10.39
CA ASP A 7 24.45 -12.26 10.74
C ASP A 7 23.88 -10.99 11.36
N LEU A 8 22.76 -10.49 10.88
CA LEU A 8 22.17 -9.29 11.47
C LEU A 8 21.71 -9.61 12.88
N CYS A 9 21.05 -10.74 13.06
CA CYS A 9 20.47 -11.08 14.35
C CYS A 9 21.56 -11.16 15.43
N ALA A 10 22.72 -11.65 15.04
CA ALA A 10 23.83 -11.83 15.94
C ALA A 10 24.36 -10.53 16.54
N GLU A 11 24.06 -9.41 15.91
CA GLU A 11 24.56 -8.12 16.38
C GLU A 11 23.84 -7.61 17.61
N TYR A 12 22.80 -8.29 18.03
CA TYR A 12 21.92 -7.78 19.09
C TYR A 12 21.89 -8.74 20.28
N HIS A 13 21.78 -8.18 21.46
CA HIS A 13 21.62 -8.92 22.70
C HIS A 13 20.20 -9.51 22.78
N ASN A 14 20.05 -10.66 23.44
CA ASN A 14 18.73 -11.24 23.72
C ASN A 14 17.97 -11.59 22.44
N THR A 15 18.70 -12.09 21.44
CA THR A 15 18.01 -12.50 20.22
C THR A 15 18.33 -13.96 19.91
N GLN A 16 17.47 -14.49 19.04
CA GLN A 16 17.73 -15.77 18.47
C GLN A 16 17.01 -15.89 17.13
N ILE A 17 17.50 -16.80 16.30
CA ILE A 17 16.87 -17.17 15.05
C ILE A 17 15.93 -18.33 15.28
N HIS A 18 14.71 -18.21 14.79
CA HIS A 18 13.78 -19.29 14.62
C HIS A 18 13.72 -19.62 13.12
N THR A 19 13.88 -20.91 12.78
CA THR A 19 13.70 -21.35 11.42
C THR A 19 12.35 -22.01 11.26
N LEU A 20 11.52 -21.41 10.41
CA LEU A 20 10.16 -21.84 10.19
C LEU A 20 10.03 -22.64 8.89
N ASN A 21 10.55 -22.06 7.80
CA ASN A 21 10.34 -22.62 6.46
C ASN A 21 8.91 -23.06 6.25
N ASP A 22 7.97 -22.15 6.57
CA ASP A 22 6.55 -22.43 6.47
C ASP A 22 5.80 -21.11 6.28
N LYS A 23 4.60 -21.18 5.70
CA LYS A 23 3.71 -20.03 5.61
C LYS A 23 3.16 -19.73 7.00
N ILE A 24 2.69 -18.51 7.18
CA ILE A 24 2.07 -18.11 8.43
C ILE A 24 0.70 -18.76 8.54
N PHE A 25 0.38 -19.29 9.72
CA PHE A 25 -0.86 -19.96 9.98
C PHE A 25 -1.99 -19.01 10.36
N SER A 26 -1.70 -18.01 11.17
CA SER A 26 -2.66 -16.98 11.53
C SER A 26 -2.00 -15.62 11.64
N TYR A 27 -2.80 -14.60 11.33
CA TYR A 27 -2.41 -13.22 11.42
C TYR A 27 -3.48 -12.48 12.25
N THR A 28 -3.02 -11.79 13.27
CA THR A 28 -3.89 -10.98 14.13
C THR A 28 -3.39 -9.56 14.21
N GLU A 29 -4.30 -8.60 14.17
CA GLU A 29 -3.86 -7.23 14.43
C GLU A 29 -4.95 -6.52 15.21
N SER A 30 -4.47 -5.55 15.98
CA SER A 30 -5.26 -4.82 16.94
C SER A 30 -5.05 -3.31 16.88
N LEU A 31 -6.14 -2.57 17.00
CA LEU A 31 -6.11 -1.11 17.12
C LEU A 31 -6.46 -0.67 18.53
N ALA A 32 -6.69 -1.56 19.46
CA ALA A 32 -7.04 -1.25 20.83
C ALA A 32 -5.91 -0.50 21.50
N GLY A 33 -6.27 0.49 22.32
CA GLY A 33 -5.26 1.39 22.88
C GLY A 33 -4.26 0.69 23.76
N LYS A 34 -3.00 0.95 23.53
CA LYS A 34 -1.84 0.37 24.21
C LYS A 34 -1.60 -1.08 23.74
N ARG A 35 -2.38 -1.58 22.78
CA ARG A 35 -2.15 -2.87 22.17
C ARG A 35 -2.22 -2.79 20.64
N GLU A 36 -1.62 -1.74 20.10
CA GLU A 36 -1.54 -1.53 18.66
C GLU A 36 -0.38 -2.36 18.15
N MET A 37 -0.71 -3.58 17.78
CA MET A 37 0.26 -4.63 17.55
C MET A 37 -0.26 -5.66 16.56
N ALA A 38 0.63 -6.56 16.14
CA ALA A 38 0.31 -7.71 15.34
C ALA A 38 0.86 -8.95 16.05
N ILE A 39 0.17 -10.04 15.82
CA ILE A 39 0.58 -11.36 16.33
C ILE A 39 0.45 -12.34 15.19
N ILE A 40 1.47 -13.19 15.01
CA ILE A 40 1.40 -14.23 14.02
C ILE A 40 1.67 -15.56 14.74
N THR A 41 1.08 -16.61 14.17
CA THR A 41 1.42 -17.98 14.61
C THR A 41 1.69 -18.84 13.36
N PHE A 42 2.39 -19.93 13.61
CA PHE A 42 2.68 -20.98 12.64
C PHE A 42 1.96 -22.26 13.10
N LYS A 43 1.85 -23.25 12.20
CA LYS A 43 1.05 -24.43 12.59
C LYS A 43 1.70 -25.23 13.70
N ASN A 44 2.98 -25.06 13.94
CA ASN A 44 3.67 -25.76 15.05
C ASN A 44 3.32 -25.10 16.38
N GLY A 45 2.56 -24.03 16.39
CA GLY A 45 2.14 -23.28 17.57
C GLY A 45 2.96 -22.08 17.96
N ALA A 46 4.07 -21.91 17.23
CA ALA A 46 4.99 -20.85 17.54
C ALA A 46 4.27 -19.52 17.31
N THR A 47 4.42 -18.62 18.28
CA THR A 47 3.70 -17.36 18.30
C THR A 47 4.67 -16.21 18.40
N PHE A 48 4.49 -15.16 17.61
CA PHE A 48 5.41 -14.05 17.58
C PHE A 48 4.64 -12.72 17.54
N GLN A 49 5.19 -11.68 18.12
CA GLN A 49 4.57 -10.35 18.07
C GLN A 49 5.43 -9.34 17.31
N VAL A 50 4.76 -8.34 16.75
CA VAL A 50 5.40 -7.06 16.46
C VAL A 50 5.02 -6.16 17.64
N GLU A 51 6.00 -5.69 18.41
CA GLU A 51 5.69 -4.98 19.66
C GLU A 51 4.96 -3.69 19.35
N VAL A 52 4.17 -3.29 20.34
CA VAL A 52 3.64 -1.91 20.39
C VAL A 52 4.82 -0.95 20.40
N PRO A 53 4.80 0.10 19.59
CA PRO A 53 5.91 1.07 19.63
C PRO A 53 5.99 1.74 20.98
N GLY A 54 7.15 2.05 21.52
CA GLY A 54 7.46 2.34 22.86
C GLY A 54 8.86 2.91 22.99
N SER A 55 9.22 3.25 24.22
CA SER A 55 10.47 3.93 24.48
C SER A 55 11.71 3.09 24.24
N GLN A 56 11.57 1.83 23.97
CA GLN A 56 12.55 0.79 23.68
C GLN A 56 12.96 0.88 22.20
N HIS A 57 12.21 1.69 21.47
CA HIS A 57 12.43 1.88 20.03
C HIS A 57 12.95 3.29 19.76
N ILE A 58 14.01 3.39 18.97
CA ILE A 58 14.43 4.73 18.51
C ILE A 58 13.59 5.19 17.33
N ASP A 59 13.68 6.46 16.98
CA ASP A 59 12.76 6.98 15.97
C ASP A 59 12.81 6.24 14.64
N SER A 60 14.00 5.79 14.24
CA SER A 60 14.16 5.16 12.93
C SER A 60 13.47 3.82 12.91
N GLN A 61 13.24 3.25 14.09
CA GLN A 61 12.53 1.97 14.11
C GLN A 61 11.03 2.11 13.94
N LYS A 62 10.48 3.28 14.23
CA LYS A 62 9.01 3.43 14.18
C LYS A 62 8.46 3.16 12.79
N LYS A 63 9.09 3.75 11.76
CA LYS A 63 8.59 3.47 10.40
C LYS A 63 8.83 2.02 10.07
N ALA A 64 9.92 1.42 10.56
CA ALA A 64 10.20 0.04 10.21
C ALA A 64 9.21 -0.91 10.90
N ILE A 65 8.70 -0.56 12.06
CA ILE A 65 7.68 -1.36 12.72
C ILE A 65 6.42 -1.38 11.87
N GLU A 66 6.05 -0.20 11.34
CA GLU A 66 4.85 -0.18 10.48
C GLU A 66 5.06 -1.04 9.25
N ARG A 67 6.23 -0.95 8.64
CA ARG A 67 6.51 -1.76 7.45
C ARG A 67 6.43 -3.23 7.79
N MET A 68 6.93 -3.65 8.94
CA MET A 68 6.92 -5.08 9.32
C MET A 68 5.50 -5.60 9.40
N LYS A 69 4.60 -4.80 9.99
CA LYS A 69 3.20 -5.25 10.03
C LYS A 69 2.63 -5.36 8.63
N ASP A 70 2.97 -4.43 7.73
CA ASP A 70 2.57 -4.54 6.33
C ASP A 70 3.09 -5.84 5.72
N THR A 71 4.33 -6.13 5.98
CA THR A 71 4.97 -7.35 5.43
C THR A 71 4.33 -8.61 5.94
N LEU A 72 4.04 -8.69 7.23
CA LEU A 72 3.44 -9.91 7.75
C LEU A 72 2.04 -10.15 7.17
N ARG A 73 1.27 -9.05 7.03
CA ARG A 73 -0.07 -9.17 6.49
C ARG A 73 -0.04 -9.70 5.06
N ILE A 74 0.81 -9.12 4.20
CA ILE A 74 0.80 -9.60 2.82
C ILE A 74 1.48 -10.98 2.71
N ALA A 75 2.48 -11.27 3.55
CA ALA A 75 3.03 -12.62 3.54
C ALA A 75 1.94 -13.62 3.91
N TYR A 76 1.17 -13.30 4.95
CA TYR A 76 0.08 -14.18 5.32
C TYR A 76 -0.88 -14.40 4.16
N LEU A 77 -1.34 -13.32 3.55
CA LEU A 77 -2.39 -13.41 2.55
C LEU A 77 -1.91 -14.10 1.28
N THR A 78 -0.64 -14.00 0.98
CA THR A 78 -0.07 -14.64 -0.21
C THR A 78 0.47 -16.06 0.05
N GLU A 79 0.40 -16.50 1.31
CA GLU A 79 0.92 -17.79 1.75
C GLU A 79 2.43 -17.91 1.46
N ALA A 80 3.14 -16.80 1.52
CA ALA A 80 4.58 -16.77 1.33
C ALA A 80 5.29 -17.55 2.43
N LYS A 81 6.24 -18.42 2.03
CA LYS A 81 7.01 -19.13 3.03
C LYS A 81 7.94 -18.19 3.77
N VAL A 82 7.85 -18.24 5.09
CA VAL A 82 8.80 -17.55 5.96
C VAL A 82 9.96 -18.49 6.20
N GLU A 83 11.13 -18.04 5.86
CA GLU A 83 12.33 -18.83 6.16
C GLU A 83 12.72 -18.75 7.63
N LYS A 84 13.18 -17.56 8.05
CA LYS A 84 13.58 -17.32 9.42
C LYS A 84 12.97 -16.05 10.00
N LEU A 85 12.87 -16.04 11.32
CA LEU A 85 12.64 -14.88 12.11
C LEU A 85 13.80 -14.66 13.10
N CYS A 86 14.25 -13.42 13.16
CA CYS A 86 15.15 -12.95 14.19
C CYS A 86 14.24 -12.31 15.25
N VAL A 87 14.32 -12.76 16.49
CA VAL A 87 13.43 -12.28 17.55
C VAL A 87 14.22 -11.93 18.78
N TRP A 88 13.64 -11.00 19.56
CA TRP A 88 14.09 -10.82 20.93
C TRP A 88 13.35 -11.82 21.82
N ASN A 89 14.12 -12.56 22.61
CA ASN A 89 13.56 -13.62 23.46
C ASN A 89 13.38 -13.15 24.90
N ASN A 90 13.57 -11.85 25.16
CA ASN A 90 13.28 -11.29 26.49
C ASN A 90 11.90 -10.65 26.50
N LYS A 91 11.05 -11.07 25.57
CA LYS A 91 9.66 -10.67 25.46
C LYS A 91 8.83 -11.93 25.23
N THR A 92 7.58 -11.87 25.66
CA THR A 92 6.63 -12.96 25.47
C THR A 92 5.38 -12.41 24.80
N PRO A 93 4.89 -12.87 23.67
CA PRO A 93 5.55 -13.73 22.70
C PRO A 93 6.90 -13.13 22.24
N HIS A 94 7.79 -13.94 21.75
CA HIS A 94 9.04 -13.41 21.19
C HIS A 94 8.73 -12.29 20.19
N ALA A 95 9.53 -11.24 20.24
CA ALA A 95 9.27 -10.04 19.47
C ALA A 95 10.13 -10.03 18.20
N ILE A 96 9.47 -9.83 17.05
CA ILE A 96 10.18 -9.85 15.79
C ILE A 96 11.08 -8.64 15.59
N ALA A 97 12.34 -8.91 15.27
CA ALA A 97 13.33 -7.96 14.82
C ALA A 97 13.57 -7.97 13.31
N ALA A 98 13.47 -9.15 12.71
CA ALA A 98 13.71 -9.26 11.28
C ALA A 98 13.05 -10.53 10.74
N ILE A 99 12.77 -10.52 9.45
CA ILE A 99 12.15 -11.63 8.76
C ILE A 99 12.87 -11.90 7.46
N SER A 100 13.02 -13.17 7.12
CA SER A 100 13.48 -13.55 5.79
C SER A 100 12.44 -14.48 5.17
N MET A 101 12.25 -14.30 3.87
CA MET A 101 11.32 -15.05 3.04
C MET A 101 12.13 -15.65 1.90
N ALA A 102 11.92 -16.94 1.70
CA ALA A 102 12.53 -17.67 0.60
C ALA A 102 11.72 -18.95 0.38
N ASN A 103 11.83 -19.52 -0.78
CA ASN A 103 11.13 -20.51 -1.57
C ASN A 103 11.56 -21.91 -1.14
N THR B 1 16.33 14.52 -18.55
CA THR B 1 16.36 13.33 -17.69
C THR B 1 16.72 12.04 -18.38
N PRO B 2 17.32 11.07 -17.69
CA PRO B 2 17.71 9.81 -18.37
C PRO B 2 16.51 9.02 -18.86
N GLN B 3 16.75 8.20 -19.88
CA GLN B 3 15.67 7.40 -20.46
C GLN B 3 15.70 5.95 -20.06
N ASN B 4 16.76 5.55 -19.35
CA ASN B 4 16.89 4.18 -18.90
C ASN B 4 17.82 4.11 -17.69
N ILE B 5 17.80 2.96 -17.03
CA ILE B 5 18.56 2.78 -15.80
C ILE B 5 20.07 2.85 -16.02
N THR B 6 20.55 2.41 -17.18
CA THR B 6 22.00 2.41 -17.42
C THR B 6 22.52 3.83 -17.47
N ASP B 7 21.80 4.68 -18.21
CA ASP B 7 22.24 6.09 -18.33
C ASP B 7 22.07 6.80 -17.00
N LEU B 8 20.97 6.49 -16.30
CA LEU B 8 20.81 7.10 -14.96
C LEU B 8 21.99 6.73 -14.06
N CYS B 9 22.30 5.44 -14.04
CA CYS B 9 23.34 4.95 -13.15
C CYS B 9 24.67 5.63 -13.44
N ALA B 10 24.97 5.91 -14.69
CA ALA B 10 26.21 6.53 -15.10
C ALA B 10 26.39 7.96 -14.61
N GLU B 11 25.33 8.61 -14.14
CA GLU B 11 25.43 9.99 -13.67
C GLU B 11 26.08 10.11 -12.30
N TYR B 12 26.38 8.98 -11.66
CA TYR B 12 26.88 8.92 -10.30
C TYR B 12 28.21 8.19 -10.25
N HIS B 13 29.09 8.63 -9.38
CA HIS B 13 30.29 7.89 -9.07
C HIS B 13 30.02 6.68 -8.17
N ASN B 14 30.94 5.72 -8.21
CA ASN B 14 30.90 4.51 -7.41
C ASN B 14 29.64 3.69 -7.65
N THR B 15 29.17 3.65 -8.90
CA THR B 15 28.07 2.79 -9.24
C THR B 15 28.47 1.78 -10.33
N GLN B 16 27.59 0.79 -10.43
CA GLN B 16 27.65 -0.13 -11.56
C GLN B 16 26.27 -0.75 -11.75
N ILE B 17 26.06 -1.23 -12.97
CA ILE B 17 24.91 -2.03 -13.28
C ILE B 17 25.22 -3.51 -13.08
N HIS B 18 24.31 -4.20 -12.37
CA HIS B 18 24.27 -5.63 -12.32
C HIS B 18 23.08 -6.08 -13.18
N THR B 19 23.29 -7.03 -14.10
CA THR B 19 22.18 -7.56 -14.87
C THR B 19 21.78 -8.91 -14.29
N LEU B 20 20.52 -9.02 -13.87
CA LEU B 20 20.06 -10.22 -13.19
C LEU B 20 19.18 -11.07 -14.12
N ASN B 21 18.22 -10.40 -14.75
CA ASN B 21 17.19 -11.08 -15.52
C ASN B 21 16.64 -12.33 -14.85
N ASP B 22 16.20 -12.08 -13.61
CA ASP B 22 15.74 -13.19 -12.78
C ASP B 22 14.89 -12.65 -11.65
N LYS B 23 14.04 -13.51 -11.12
CA LYS B 23 13.26 -13.14 -9.95
C LYS B 23 14.13 -13.13 -8.70
N ILE B 24 13.66 -12.40 -7.68
CA ILE B 24 14.33 -12.38 -6.40
C ILE B 24 14.21 -13.71 -5.68
N PHE B 25 15.35 -14.20 -5.15
CA PHE B 25 15.36 -15.52 -4.47
C PHE B 25 14.97 -15.41 -3.01
N SER B 26 15.41 -14.35 -2.33
CA SER B 26 15.02 -14.12 -0.93
C SER B 26 14.89 -12.63 -0.66
N TYR B 27 14.02 -12.34 0.29
CA TYR B 27 13.72 -10.99 0.77
C TYR B 27 13.86 -10.99 2.29
N THR B 28 14.65 -10.10 2.83
CA THR B 28 14.87 -9.95 4.25
C THR B 28 14.65 -8.48 4.64
N GLU B 29 13.93 -8.27 5.75
CA GLU B 29 13.80 -6.89 6.23
C GLU B 29 13.89 -6.89 7.75
N SER B 30 14.44 -5.80 8.24
CA SER B 30 14.76 -5.63 9.65
C SER B 30 14.22 -4.34 10.22
N LEU B 31 13.69 -4.43 11.46
CA LEU B 31 13.33 -3.23 12.22
C LEU B 31 14.29 -3.00 13.38
N ALA B 32 15.34 -3.76 13.53
CA ALA B 32 16.31 -3.61 14.60
C ALA B 32 17.03 -2.27 14.46
N GLY B 33 17.28 -1.65 15.63
CA GLY B 33 17.81 -0.31 15.63
C GLY B 33 19.16 -0.22 14.96
N LYS B 34 19.29 0.76 14.08
CA LYS B 34 20.47 1.03 13.30
C LYS B 34 20.63 0.03 12.16
N ARG B 35 19.70 -0.92 12.01
CA ARG B 35 19.72 -1.87 10.90
C ARG B 35 18.33 -1.97 10.25
N GLU B 36 17.69 -0.79 10.09
CA GLU B 36 16.39 -0.68 9.49
C GLU B 36 16.58 -0.69 7.97
N MET B 37 16.64 -1.90 7.43
CA MET B 37 17.13 -2.13 6.09
C MET B 37 16.42 -3.32 5.46
N ALA B 38 16.62 -3.47 4.17
CA ALA B 38 16.19 -4.64 3.44
C ALA B 38 17.41 -5.23 2.75
N ILE B 39 17.40 -6.54 2.61
CA ILE B 39 18.43 -7.30 1.89
C ILE B 39 17.74 -8.27 0.94
N ILE B 40 18.15 -8.30 -0.33
CA ILE B 40 17.63 -9.28 -1.26
C ILE B 40 18.80 -10.13 -1.80
N THR B 41 18.47 -11.38 -2.17
CA THR B 41 19.42 -12.19 -2.87
C THR B 41 18.80 -12.81 -4.13
N PHE B 42 19.66 -13.23 -5.02
CA PHE B 42 19.35 -13.89 -6.24
C PHE B 42 19.95 -15.30 -6.16
N LYS B 43 19.39 -16.20 -6.96
CA LYS B 43 19.85 -17.58 -6.85
C LYS B 43 21.30 -17.70 -7.26
N ASN B 44 21.91 -16.77 -7.95
CA ASN B 44 23.35 -16.86 -8.23
C ASN B 44 24.21 -16.44 -7.06
N GLY B 45 23.58 -16.08 -5.95
CA GLY B 45 24.33 -15.70 -4.77
C GLY B 45 24.42 -14.21 -4.54
N ALA B 46 24.06 -13.45 -5.57
CA ALA B 46 24.24 -12.02 -5.51
C ALA B 46 23.34 -11.44 -4.43
N THR B 47 23.88 -10.53 -3.60
CA THR B 47 23.21 -9.94 -2.47
C THR B 47 23.27 -8.43 -2.54
N PHE B 48 22.15 -7.81 -2.26
CA PHE B 48 22.02 -6.37 -2.34
C PHE B 48 21.25 -5.81 -1.16
N GLN B 49 21.55 -4.58 -0.76
CA GLN B 49 20.83 -3.94 0.31
C GLN B 49 20.12 -2.68 -0.15
N VAL B 50 19.04 -2.35 0.59
CA VAL B 50 18.59 -0.97 0.62
C VAL B 50 19.19 -0.43 1.91
N GLU B 51 20.07 0.55 1.82
CA GLU B 51 20.73 1.06 3.01
C GLU B 51 19.76 1.64 4.05
N VAL B 52 20.21 1.58 5.27
CA VAL B 52 19.58 2.30 6.37
C VAL B 52 19.62 3.79 6.03
N PRO B 53 18.54 4.53 6.20
CA PRO B 53 18.62 5.97 5.96
C PRO B 53 19.60 6.60 6.93
N GLY B 54 20.40 7.55 6.54
CA GLY B 54 21.53 8.21 7.02
C GLY B 54 21.93 9.50 6.36
N SER B 55 23.07 9.99 6.86
CA SER B 55 23.50 11.35 6.59
C SER B 55 24.02 11.54 5.18
N GLN B 56 24.20 10.53 4.39
CA GLN B 56 24.62 10.19 3.04
C GLN B 56 23.42 10.41 2.09
N HIS B 57 22.22 10.42 2.63
CA HIS B 57 21.01 10.67 1.89
C HIS B 57 20.52 12.10 2.06
N ILE B 58 20.07 12.68 0.97
CA ILE B 58 19.46 14.00 1.07
C ILE B 58 17.97 13.78 1.32
N ASP B 59 17.29 14.83 1.75
CA ASP B 59 15.90 14.68 2.25
C ASP B 59 14.99 14.06 1.18
N SER B 60 15.18 14.47 -0.08
CA SER B 60 14.35 13.97 -1.18
C SER B 60 14.55 12.46 -1.36
N GLN B 61 15.64 11.87 -0.91
CA GLN B 61 15.77 10.42 -1.07
C GLN B 61 14.99 9.61 -0.02
N LYS B 62 14.56 10.20 1.10
CA LYS B 62 13.95 9.44 2.18
C LYS B 62 12.70 8.71 1.71
N LYS B 63 11.79 9.42 1.03
CA LYS B 63 10.55 8.78 0.55
C LYS B 63 10.87 7.73 -0.48
N ALA B 64 11.87 7.99 -1.31
CA ALA B 64 12.23 7.02 -2.35
C ALA B 64 12.85 5.74 -1.79
N ILE B 65 13.58 5.85 -0.69
CA ILE B 65 14.10 4.65 0.00
C ILE B 65 12.96 3.77 0.46
N GLU B 66 11.95 4.41 1.08
CA GLU B 66 10.79 3.63 1.54
C GLU B 66 10.08 3.00 0.34
N ARG B 67 9.93 3.75 -0.76
CA ARG B 67 9.32 3.15 -1.94
C ARG B 67 10.10 1.96 -2.46
N MET B 68 11.43 2.06 -2.50
CA MET B 68 12.23 0.94 -2.99
C MET B 68 12.03 -0.33 -2.20
N LYS B 69 11.94 -0.22 -0.87
CA LYS B 69 11.64 -1.42 -0.09
C LYS B 69 10.26 -1.96 -0.39
N ASP B 70 9.28 -1.09 -0.61
CA ASP B 70 7.94 -1.53 -1.06
C ASP B 70 8.05 -2.29 -2.39
N THR B 71 8.85 -1.77 -3.30
CA THR B 71 8.97 -2.37 -4.63
C THR B 71 9.64 -3.71 -4.55
N LEU B 72 10.69 -3.82 -3.74
CA LEU B 72 11.37 -5.12 -3.65
C LEU B 72 10.45 -6.18 -3.04
N ARG B 73 9.68 -5.80 -2.04
CA ARG B 73 8.80 -6.78 -1.40
C ARG B 73 7.76 -7.30 -2.38
N ILE B 74 7.10 -6.36 -3.08
CA ILE B 74 6.08 -6.82 -4.03
C ILE B 74 6.70 -7.53 -5.22
N ALA B 75 7.87 -7.14 -5.69
CA ALA B 75 8.54 -7.89 -6.75
C ALA B 75 8.83 -9.31 -6.28
N TYR B 76 9.33 -9.45 -5.07
CA TYR B 76 9.62 -10.77 -4.53
C TYR B 76 8.36 -11.64 -4.54
N LEU B 77 7.29 -11.09 -3.95
CA LEU B 77 6.07 -11.87 -3.76
C LEU B 77 5.38 -12.21 -5.07
N THR B 78 5.52 -11.37 -6.08
CA THR B 78 4.91 -11.66 -7.38
C THR B 78 5.85 -12.39 -8.33
N GLU B 79 7.06 -12.69 -7.91
CA GLU B 79 8.05 -13.35 -8.77
C GLU B 79 8.35 -12.55 -10.03
N ALA B 80 8.33 -11.23 -9.90
CA ALA B 80 8.62 -10.37 -11.05
C ALA B 80 10.10 -10.47 -11.41
N LYS B 81 10.37 -10.59 -12.71
CA LYS B 81 11.78 -10.59 -13.10
C LYS B 81 12.38 -9.19 -12.94
N VAL B 82 13.53 -9.19 -12.32
CA VAL B 82 14.35 -8.02 -12.19
C VAL B 82 15.33 -8.02 -13.37
N GLU B 83 15.31 -6.95 -14.14
CA GLU B 83 16.24 -6.85 -15.29
C GLU B 83 17.61 -6.44 -14.78
N LYS B 84 17.73 -5.21 -14.30
CA LYS B 84 18.97 -4.64 -13.81
C LYS B 84 18.77 -3.96 -12.47
N LEU B 85 19.88 -3.92 -11.73
CA LEU B 85 20.06 -3.06 -10.58
C LEU B 85 21.21 -2.10 -10.84
N CYS B 86 20.94 -0.82 -10.55
CA CYS B 86 22.02 0.16 -10.39
C CYS B 86 22.38 0.20 -8.91
N VAL B 87 23.64 -0.03 -8.58
CA VAL B 87 24.07 -0.05 -7.19
C VAL B 87 25.28 0.84 -6.96
N TRP B 88 25.44 1.26 -5.73
CA TRP B 88 26.71 1.77 -5.26
C TRP B 88 27.55 0.58 -4.77
N ASN B 89 28.77 0.54 -5.29
CA ASN B 89 29.68 -0.57 -5.03
C ASN B 89 30.77 -0.21 -4.03
N ASN B 90 30.56 0.87 -3.32
CA ASN B 90 31.42 1.23 -2.20
C ASN B 90 30.74 0.89 -0.86
N LYS B 91 29.86 -0.07 -0.91
CA LYS B 91 29.14 -0.58 0.24
C LYS B 91 29.10 -2.09 0.11
N THR B 92 28.96 -2.76 1.23
CA THR B 92 28.82 -4.19 1.32
C THR B 92 27.58 -4.56 2.11
N PRO B 93 26.61 -5.27 1.57
CA PRO B 93 26.45 -5.64 0.17
C PRO B 93 26.26 -4.38 -0.68
N HIS B 94 26.42 -4.53 -1.99
CA HIS B 94 26.17 -3.37 -2.83
C HIS B 94 24.79 -2.79 -2.51
N ALA B 95 24.71 -1.47 -2.57
CA ALA B 95 23.53 -0.72 -2.16
C ALA B 95 22.72 -0.26 -3.38
N ILE B 96 21.44 -0.63 -3.38
CA ILE B 96 20.61 -0.30 -4.52
C ILE B 96 20.32 1.19 -4.62
N ALA B 97 20.56 1.72 -5.83
CA ALA B 97 20.17 3.03 -6.29
C ALA B 97 18.97 3.03 -7.22
N ALA B 98 18.82 1.99 -8.06
CA ALA B 98 17.69 1.97 -8.99
C ALA B 98 17.46 0.52 -9.40
N ILE B 99 16.26 0.24 -9.83
CA ILE B 99 15.83 -1.06 -10.30
C ILE B 99 15.07 -0.94 -11.61
N SER B 100 15.30 -1.90 -12.50
CA SER B 100 14.43 -1.99 -13.67
C SER B 100 13.85 -3.40 -13.69
N MET B 101 12.59 -3.47 -14.08
CA MET B 101 11.87 -4.72 -14.25
C MET B 101 11.34 -4.82 -15.68
N ALA B 102 11.54 -5.95 -16.32
CA ALA B 102 11.08 -6.23 -17.66
C ALA B 102 10.99 -7.76 -17.78
N ASN B 103 10.20 -8.26 -18.66
CA ASN B 103 9.96 -9.68 -18.98
C ASN B 103 9.43 -10.43 -17.75
N THR C 1 -15.37 20.64 -14.44
CA THR C 1 -14.49 19.47 -14.14
C THR C 1 -14.51 18.28 -15.06
N PRO C 2 -13.37 17.76 -15.52
CA PRO C 2 -13.39 16.90 -16.70
C PRO C 2 -13.97 15.52 -16.49
N GLN C 3 -14.51 15.01 -17.61
CA GLN C 3 -15.13 13.71 -17.54
C GLN C 3 -14.22 12.59 -18.00
N ASN C 4 -13.08 12.94 -18.58
CA ASN C 4 -12.18 11.96 -19.15
C ASN C 4 -10.79 12.57 -19.31
N ILE C 5 -9.82 11.69 -19.56
CA ILE C 5 -8.43 12.13 -19.58
C ILE C 5 -8.11 13.11 -20.71
N THR C 6 -8.84 12.99 -21.84
CA THR C 6 -8.56 13.81 -23.01
C THR C 6 -8.91 15.26 -22.69
N ASP C 7 -10.09 15.46 -22.11
CA ASP C 7 -10.57 16.78 -21.76
C ASP C 7 -9.73 17.37 -20.63
N LEU C 8 -9.31 16.51 -19.67
CA LEU C 8 -8.43 17.03 -18.64
C LEU C 8 -7.12 17.51 -19.25
N CYS C 9 -6.54 16.67 -20.12
CA CYS C 9 -5.26 17.01 -20.73
C CYS C 9 -5.32 18.36 -21.42
N ALA C 10 -6.46 18.60 -22.08
CA ALA C 10 -6.61 19.81 -22.89
C ALA C 10 -6.68 21.09 -22.06
N GLU C 11 -6.86 20.97 -20.75
CA GLU C 11 -6.90 22.15 -19.87
C GLU C 11 -5.49 22.73 -19.61
N TYR C 12 -4.45 22.01 -20.02
CA TYR C 12 -3.06 22.37 -19.74
C TYR C 12 -2.29 22.70 -21.00
N HIS C 13 -1.42 23.69 -20.86
CA HIS C 13 -0.46 23.99 -21.94
C HIS C 13 0.58 22.89 -22.09
N ASN C 14 1.12 22.67 -23.30
CA ASN C 14 2.27 21.84 -23.53
C ASN C 14 2.00 20.37 -23.20
N THR C 15 0.77 19.95 -23.44
CA THR C 15 0.45 18.55 -23.25
C THR C 15 0.01 17.90 -24.57
N GLN C 16 0.03 16.59 -24.46
CA GLN C 16 -0.63 15.77 -25.49
C GLN C 16 -1.08 14.42 -24.90
N ILE C 17 -1.98 13.79 -25.63
CA ILE C 17 -2.40 12.43 -25.34
C ILE C 17 -1.55 11.47 -26.17
N HIS C 18 -1.11 10.40 -25.53
CA HIS C 18 -0.66 9.21 -26.21
C HIS C 18 -1.68 8.07 -25.98
N THR C 19 -2.08 7.44 -27.05
CA THR C 19 -2.94 6.27 -26.91
C THR C 19 -2.09 5.05 -27.12
N LEU C 20 -1.99 4.28 -26.06
CA LEU C 20 -1.16 3.09 -26.07
C LEU C 20 -1.96 1.80 -26.26
N ASN C 21 -3.04 1.65 -25.51
CA ASN C 21 -3.82 0.43 -25.42
C ASN C 21 -2.96 -0.82 -25.34
N ASP C 22 -2.07 -0.79 -24.36
CA ASP C 22 -1.09 -1.87 -24.17
C ASP C 22 -0.63 -1.84 -22.73
N LYS C 23 -0.14 -2.98 -22.28
CA LYS C 23 0.50 -3.07 -20.96
C LYS C 23 1.87 -2.41 -21.00
N ILE C 24 2.35 -2.05 -19.83
CA ILE C 24 3.70 -1.52 -19.69
C ILE C 24 4.74 -2.61 -19.92
N PHE C 25 5.76 -2.30 -20.74
CA PHE C 25 6.82 -3.24 -21.06
C PHE C 25 7.93 -3.25 -20.01
N SER C 26 8.27 -2.09 -19.43
CA SER C 26 9.29 -2.03 -18.39
C SER C 26 8.96 -0.90 -17.42
N TYR C 27 9.38 -1.16 -16.17
CA TYR C 27 9.22 -0.25 -15.05
C TYR C 27 10.59 -0.03 -14.40
N THR C 28 10.99 1.21 -14.26
CA THR C 28 12.26 1.57 -13.62
C THR C 28 11.99 2.60 -12.52
N GLU C 29 12.64 2.43 -11.36
CA GLU C 29 12.52 3.50 -10.35
C GLU C 29 13.89 3.66 -9.67
N SER C 30 14.11 4.90 -9.27
CA SER C 30 15.39 5.31 -8.69
C SER C 30 15.23 6.05 -7.38
N LEU C 31 16.13 5.81 -6.45
CA LEU C 31 16.24 6.59 -5.22
C LEU C 31 17.47 7.47 -5.20
N ALA C 32 18.26 7.50 -6.23
CA ALA C 32 19.48 8.27 -6.36
C ALA C 32 19.13 9.75 -6.27
N GLY C 33 19.96 10.52 -5.56
CA GLY C 33 19.66 11.90 -5.29
C GLY C 33 19.50 12.74 -6.53
N LYS C 34 18.42 13.50 -6.57
CA LYS C 34 18.01 14.36 -7.67
C LYS C 34 17.52 13.56 -8.87
N ARG C 35 17.41 12.24 -8.72
CA ARG C 35 16.81 11.43 -9.78
C ARG C 35 15.82 10.44 -9.13
N GLU C 36 15.07 10.94 -8.15
CA GLU C 36 14.01 10.18 -7.49
C GLU C 36 12.76 10.19 -8.37
N MET C 37 12.71 9.23 -9.29
CA MET C 37 11.82 9.22 -10.43
C MET C 37 11.49 7.79 -10.82
N ALA C 38 10.48 7.71 -11.67
CA ALA C 38 10.14 6.49 -12.34
C ALA C 38 10.17 6.70 -13.85
N ILE C 39 10.52 5.64 -14.54
CA ILE C 39 10.49 5.60 -16.02
C ILE C 39 9.72 4.37 -16.45
N ILE C 40 8.81 4.51 -17.42
CA ILE C 40 8.19 3.35 -17.99
C ILE C 40 8.42 3.33 -19.50
N THR C 41 8.41 2.12 -20.07
CA THR C 41 8.41 2.02 -21.52
C THR C 41 7.33 1.05 -22.01
N PHE C 42 7.00 1.23 -23.30
CA PHE C 42 6.09 0.31 -23.97
C PHE C 42 6.86 -0.44 -25.04
N LYS C 43 6.27 -1.51 -25.54
CA LYS C 43 7.03 -2.33 -26.50
C LYS C 43 7.35 -1.55 -27.77
N ASN C 44 6.61 -0.50 -28.10
CA ASN C 44 6.97 0.26 -29.29
C ASN C 44 8.10 1.26 -29.10
N GLY C 45 8.69 1.26 -27.92
CA GLY C 45 9.80 2.11 -27.57
C GLY C 45 9.39 3.39 -26.87
N ALA C 46 8.10 3.66 -26.80
CA ALA C 46 7.71 4.92 -26.15
C ALA C 46 8.14 4.86 -24.67
N THR C 47 8.73 5.95 -24.23
CA THR C 47 9.29 6.10 -22.90
C THR C 47 8.69 7.30 -22.21
N PHE C 48 8.33 7.16 -20.94
CA PHE C 48 7.69 8.22 -20.17
C PHE C 48 8.31 8.26 -18.79
N GLN C 49 8.36 9.43 -18.21
CA GLN C 49 8.83 9.63 -16.84
C GLN C 49 7.73 10.16 -15.94
N VAL C 50 7.83 9.81 -14.66
CA VAL C 50 7.21 10.59 -13.59
C VAL C 50 8.33 11.51 -13.08
N GLU C 51 8.17 12.80 -13.26
CA GLU C 51 9.26 13.71 -12.94
C GLU C 51 9.60 13.69 -11.45
N VAL C 52 10.88 13.99 -11.19
CA VAL C 52 11.35 14.33 -9.84
C VAL C 52 10.56 15.51 -9.30
N PRO C 53 10.06 15.48 -8.07
CA PRO C 53 9.35 16.63 -7.51
C PRO C 53 10.33 17.81 -7.40
N GLY C 54 9.86 18.99 -7.69
CA GLY C 54 10.52 20.19 -8.05
C GLY C 54 9.68 21.44 -8.08
N SER C 55 10.34 22.53 -8.47
CA SER C 55 9.76 23.86 -8.37
C SER C 55 8.60 24.01 -9.32
N GLN C 56 8.49 23.17 -10.34
CA GLN C 56 7.35 23.35 -11.24
C GLN C 56 6.06 22.81 -10.62
N HIS C 57 6.18 22.06 -9.53
CA HIS C 57 5.02 21.38 -8.98
C HIS C 57 4.44 22.15 -7.81
N ILE C 58 3.13 22.26 -7.69
CA ILE C 58 2.58 22.90 -6.48
C ILE C 58 2.39 21.85 -5.38
N ASP C 59 2.17 22.31 -4.14
CA ASP C 59 2.12 21.38 -3.01
C ASP C 59 1.13 20.23 -3.20
N SER C 60 -0.04 20.60 -3.68
CA SER C 60 -1.07 19.57 -3.89
C SER C 60 -0.66 18.45 -4.82
N GLN C 61 0.34 18.69 -5.64
CA GLN C 61 0.78 17.65 -6.58
C GLN C 61 1.70 16.63 -5.93
N LYS C 62 2.27 16.99 -4.78
CA LYS C 62 3.28 16.07 -4.22
C LYS C 62 2.71 14.70 -3.88
N LYS C 63 1.57 14.62 -3.18
CA LYS C 63 0.97 13.33 -2.94
C LYS C 63 0.56 12.63 -4.23
N ALA C 64 0.12 13.40 -5.22
CA ALA C 64 -0.33 12.77 -6.46
C ALA C 64 0.83 12.21 -7.25
N ILE C 65 2.01 12.82 -7.19
CA ILE C 65 3.18 12.23 -7.87
C ILE C 65 3.51 10.88 -7.25
N GLU C 66 3.46 10.81 -5.90
CA GLU C 66 3.73 9.53 -5.22
C GLU C 66 2.70 8.52 -5.60
N ARG C 67 1.43 8.94 -5.64
CA ARG C 67 0.39 8.00 -6.02
C ARG C 67 0.60 7.45 -7.44
N MET C 68 1.04 8.35 -8.35
CA MET C 68 1.23 7.97 -9.74
C MET C 68 2.29 6.88 -9.86
N LYS C 69 3.39 7.02 -9.15
CA LYS C 69 4.42 5.99 -9.14
C LYS C 69 3.88 4.67 -8.55
N ASP C 70 3.01 4.73 -7.54
CA ASP C 70 2.36 3.54 -7.03
C ASP C 70 1.52 2.87 -8.11
N THR C 71 0.78 3.71 -8.84
CA THR C 71 -0.10 3.19 -9.87
C THR C 71 0.67 2.52 -11.01
N LEU C 72 1.76 3.19 -11.43
CA LEU C 72 2.51 2.57 -12.54
C LEU C 72 3.15 1.25 -12.14
N ARG C 73 3.62 1.13 -10.91
CA ARG C 73 4.23 -0.12 -10.44
C ARG C 73 3.23 -1.24 -10.44
N ILE C 74 2.04 -1.00 -9.86
CA ILE C 74 1.06 -2.06 -9.78
C ILE C 74 0.46 -2.33 -11.17
N ALA C 75 0.27 -1.34 -12.03
CA ALA C 75 -0.16 -1.58 -13.41
C ALA C 75 0.86 -2.49 -14.13
N TYR C 76 2.14 -2.16 -13.94
CA TYR C 76 3.19 -2.98 -14.56
C TYR C 76 3.08 -4.43 -14.08
N LEU C 77 3.01 -4.65 -12.78
CA LEU C 77 3.07 -5.98 -12.21
C LEU C 77 1.81 -6.79 -12.54
N THR C 78 0.67 -6.12 -12.74
CA THR C 78 -0.57 -6.81 -13.04
C THR C 78 -0.84 -6.89 -14.54
N GLU C 79 0.06 -6.32 -15.34
CA GLU C 79 -0.11 -6.32 -16.79
C GLU C 79 -1.39 -5.64 -17.24
N ALA C 80 -1.80 -4.66 -16.44
CA ALA C 80 -2.96 -3.86 -16.81
C ALA C 80 -2.74 -3.09 -18.08
N LYS C 81 -3.73 -3.13 -18.97
CA LYS C 81 -3.66 -2.32 -20.18
C LYS C 81 -3.80 -0.83 -19.84
N VAL C 82 -2.84 -0.05 -20.30
CA VAL C 82 -2.88 1.40 -20.28
C VAL C 82 -3.58 1.82 -21.57
N GLU C 83 -4.64 2.61 -21.39
CA GLU C 83 -5.39 3.15 -22.55
C GLU C 83 -4.63 4.38 -23.03
N LYS C 84 -4.62 5.45 -22.22
CA LYS C 84 -4.01 6.69 -22.61
C LYS C 84 -3.14 7.24 -21.50
N LEU C 85 -2.13 8.03 -21.91
CA LEU C 85 -1.36 8.89 -21.04
C LEU C 85 -1.54 10.33 -21.49
N CYS C 86 -1.81 11.20 -20.55
CA CYS C 86 -1.65 12.64 -20.76
C CYS C 86 -0.26 13.00 -20.29
N VAL C 87 0.55 13.65 -21.11
CA VAL C 87 1.90 14.01 -20.78
C VAL C 87 2.17 15.47 -21.12
N TRP C 88 3.14 16.02 -20.46
CA TRP C 88 3.83 17.24 -20.90
C TRP C 88 4.86 16.84 -21.92
N ASN C 89 4.72 17.36 -23.17
CA ASN C 89 5.66 16.98 -24.21
C ASN C 89 6.67 18.09 -24.46
N ASN C 90 6.89 18.86 -23.41
CA ASN C 90 7.96 19.86 -23.35
C ASN C 90 9.06 19.36 -22.42
N LYS C 91 9.12 18.04 -22.24
CA LYS C 91 10.11 17.36 -21.41
C LYS C 91 10.55 16.11 -22.14
N THR C 92 11.77 15.63 -21.89
CA THR C 92 12.26 14.41 -22.48
C THR C 92 12.74 13.43 -21.42
N PRO C 93 12.25 12.21 -21.27
CA PRO C 93 11.05 11.67 -21.91
C PRO C 93 9.83 12.50 -21.51
N HIS C 94 8.78 12.37 -22.29
CA HIS C 94 7.56 13.08 -21.91
C HIS C 94 7.16 12.74 -20.47
N ALA C 95 6.63 13.73 -19.77
CA ALA C 95 6.32 13.64 -18.36
C ALA C 95 4.86 13.37 -18.14
N ILE C 96 4.58 12.35 -17.34
CA ILE C 96 3.18 11.93 -17.13
C ILE C 96 2.44 12.91 -16.24
N ALA C 97 1.29 13.35 -16.73
CA ALA C 97 0.31 14.16 -16.03
C ALA C 97 -0.92 13.36 -15.61
N ALA C 98 -1.33 12.37 -16.40
CA ALA C 98 -2.49 11.56 -16.07
C ALA C 98 -2.39 10.23 -16.83
N ILE C 99 -3.09 9.23 -16.29
CA ILE C 99 -3.16 7.92 -16.91
C ILE C 99 -4.60 7.42 -16.93
N SER C 100 -5.02 6.74 -17.99
CA SER C 100 -6.30 6.03 -18.00
C SER C 100 -6.00 4.56 -18.31
N MET C 101 -6.75 3.70 -17.62
CA MET C 101 -6.69 2.28 -17.80
C MET C 101 -8.09 1.82 -18.12
N ALA C 102 -8.16 1.00 -19.15
CA ALA C 102 -9.39 0.45 -19.66
C ALA C 102 -8.93 -0.76 -20.48
N ASN C 103 -9.82 -1.70 -20.55
CA ASN C 103 -9.97 -2.90 -21.37
C ASN C 103 -8.85 -3.89 -21.10
N THR D 1 -24.14 4.81 14.36
CA THR D 1 -23.57 5.08 13.00
C THR D 1 -24.41 4.24 12.06
N PRO D 2 -24.43 4.58 10.78
CA PRO D 2 -25.28 3.85 9.85
C PRO D 2 -24.78 2.41 9.69
N GLN D 3 -25.74 1.58 9.29
CA GLN D 3 -25.48 0.17 9.09
C GLN D 3 -25.09 -0.18 7.66
N ASN D 4 -25.34 0.77 6.75
CA ASN D 4 -25.13 0.49 5.34
C ASN D 4 -25.00 1.80 4.58
N ILE D 5 -24.52 1.66 3.35
CA ILE D 5 -24.26 2.84 2.55
C ILE D 5 -25.49 3.62 2.21
N THR D 6 -26.66 3.01 2.07
CA THR D 6 -27.87 3.77 1.77
C THR D 6 -28.27 4.68 2.91
N ASP D 7 -28.20 4.16 4.14
CA ASP D 7 -28.52 4.98 5.33
C ASP D 7 -27.51 6.09 5.53
N LEU D 8 -26.24 5.78 5.26
CA LEU D 8 -25.17 6.80 5.36
C LEU D 8 -25.46 7.95 4.42
N CYS D 9 -25.76 7.58 3.19
CA CYS D 9 -25.95 8.55 2.13
C CYS D 9 -27.08 9.50 2.48
N ALA D 10 -28.14 8.97 3.10
CA ALA D 10 -29.34 9.72 3.46
C ALA D 10 -29.09 10.77 4.53
N GLU D 11 -27.92 10.73 5.19
CA GLU D 11 -27.57 11.74 6.18
C GLU D 11 -27.08 13.07 5.62
N TYR D 12 -26.88 13.12 4.30
CA TYR D 12 -26.29 14.26 3.63
C TYR D 12 -27.25 14.86 2.61
N HIS D 13 -27.15 16.19 2.48
CA HIS D 13 -27.84 16.89 1.39
C HIS D 13 -27.16 16.64 0.05
N ASN D 14 -27.89 16.79 -1.06
CA ASN D 14 -27.33 16.71 -2.40
C ASN D 14 -26.66 15.35 -2.68
N THR D 15 -27.22 14.28 -2.16
CA THR D 15 -26.67 12.97 -2.46
C THR D 15 -27.73 12.07 -3.09
N GLN D 16 -27.23 11.02 -3.73
CA GLN D 16 -28.03 9.92 -4.21
C GLN D 16 -27.19 8.65 -4.26
N ILE D 17 -27.89 7.54 -4.28
CA ILE D 17 -27.32 6.22 -4.48
C ILE D 17 -27.43 5.80 -5.95
N HIS D 18 -26.29 5.37 -6.50
CA HIS D 18 -26.25 4.66 -7.75
C HIS D 18 -25.96 3.18 -7.48
N THR D 19 -26.81 2.32 -8.01
CA THR D 19 -26.61 0.89 -7.85
C THR D 19 -26.08 0.30 -9.16
N LEU D 20 -24.82 -0.08 -9.14
CA LEU D 20 -24.12 -0.52 -10.32
C LEU D 20 -24.10 -2.04 -10.47
N ASN D 21 -23.79 -2.75 -9.39
CA ASN D 21 -23.55 -4.18 -9.40
C ASN D 21 -22.70 -4.62 -10.59
N ASP D 22 -21.56 -3.96 -10.77
CA ASP D 22 -20.65 -4.16 -11.89
C ASP D 22 -19.24 -3.72 -11.52
N LYS D 23 -18.29 -4.34 -12.21
CA LYS D 23 -16.92 -3.92 -12.09
C LYS D 23 -16.74 -2.56 -12.77
N ILE D 24 -15.68 -1.87 -12.39
CA ILE D 24 -15.30 -0.59 -12.97
C ILE D 24 -14.76 -0.82 -14.37
N PHE D 25 -15.22 -0.05 -15.35
CA PHE D 25 -14.80 -0.17 -16.74
C PHE D 25 -13.52 0.58 -17.03
N SER D 26 -13.33 1.76 -16.45
CA SER D 26 -12.10 2.52 -16.61
C SER D 26 -11.76 3.30 -15.33
N TYR D 27 -10.45 3.45 -15.16
CA TYR D 27 -9.86 4.15 -14.04
C TYR D 27 -8.88 5.20 -14.61
N THR D 28 -9.08 6.44 -14.22
CA THR D 28 -8.20 7.52 -14.60
C THR D 28 -7.73 8.28 -13.38
N GLU D 29 -6.45 8.61 -13.40
CA GLU D 29 -5.95 9.45 -12.32
C GLU D 29 -4.96 10.48 -12.84
N SER D 30 -4.98 11.63 -12.19
CA SER D 30 -4.22 12.80 -12.58
C SER D 30 -3.41 13.40 -11.45
N LEU D 31 -2.18 13.81 -11.75
CA LEU D 31 -1.35 14.58 -10.86
C LEU D 31 -1.23 16.05 -11.28
N ALA D 32 -1.91 16.46 -12.34
CA ALA D 32 -1.86 17.81 -12.89
C ALA D 32 -2.38 18.80 -11.85
N GLY D 33 -1.73 19.96 -11.77
CA GLY D 33 -2.04 20.89 -10.74
C GLY D 33 -3.47 21.37 -10.79
N LYS D 34 -4.11 21.34 -9.63
CA LYS D 34 -5.50 21.70 -9.40
C LYS D 34 -6.44 20.67 -10.00
N ARG D 35 -5.93 19.56 -10.53
CA ARG D 35 -6.76 18.45 -10.96
C ARG D 35 -6.19 17.12 -10.45
N GLU D 36 -5.80 17.16 -9.17
CA GLU D 36 -5.30 15.93 -8.56
C GLU D 36 -6.47 15.10 -8.09
N MET D 37 -6.93 14.24 -8.99
CA MET D 37 -8.23 13.59 -8.85
C MET D 37 -8.25 12.23 -9.52
N ALA D 38 -9.30 11.49 -9.29
CA ALA D 38 -9.55 10.24 -9.99
C ALA D 38 -10.95 10.32 -10.62
N ILE D 39 -11.06 9.64 -11.74
CA ILE D 39 -12.31 9.49 -12.45
C ILE D 39 -12.53 8.01 -12.79
N ILE D 40 -13.70 7.47 -12.52
CA ILE D 40 -14.02 6.11 -12.95
C ILE D 40 -15.27 6.13 -13.84
N THR D 41 -15.37 5.13 -14.72
CA THR D 41 -16.58 4.94 -15.47
C THR D 41 -16.98 3.46 -15.37
N PHE D 42 -18.23 3.23 -15.66
CA PHE D 42 -18.83 1.93 -15.82
C PHE D 42 -19.21 1.71 -17.28
N LYS D 43 -19.42 0.46 -17.64
CA LYS D 43 -19.75 0.06 -19.01
C LYS D 43 -20.93 0.83 -19.62
N ASN D 44 -21.90 1.14 -18.79
CA ASN D 44 -23.05 1.91 -19.26
C ASN D 44 -22.76 3.37 -19.47
N GLY D 45 -21.57 3.83 -19.15
CA GLY D 45 -21.21 5.21 -19.36
C GLY D 45 -21.23 6.05 -18.11
N ALA D 46 -21.84 5.57 -17.02
CA ALA D 46 -21.85 6.38 -15.80
C ALA D 46 -20.44 6.71 -15.34
N THR D 47 -20.23 7.98 -15.02
CA THR D 47 -18.94 8.56 -14.71
C THR D 47 -18.98 9.21 -13.35
N PHE D 48 -17.94 8.97 -12.55
CA PHE D 48 -17.84 9.49 -11.20
C PHE D 48 -16.42 10.02 -10.93
N GLN D 49 -16.28 11.01 -10.04
CA GLN D 49 -15.00 11.52 -9.61
C GLN D 49 -14.77 11.35 -8.12
N VAL D 50 -13.49 11.26 -7.78
CA VAL D 50 -13.05 11.62 -6.44
C VAL D 50 -12.55 13.06 -6.56
N GLU D 51 -13.23 13.98 -5.89
CA GLU D 51 -12.90 15.38 -6.03
C GLU D 51 -11.48 15.72 -5.55
N VAL D 52 -10.95 16.74 -6.18
CA VAL D 52 -9.71 17.38 -5.68
C VAL D 52 -9.97 17.86 -4.28
N PRO D 53 -9.07 17.60 -3.33
CA PRO D 53 -9.27 18.18 -2.00
C PRO D 53 -9.32 19.70 -2.08
N GLY D 54 -10.14 20.36 -1.30
CA GLY D 54 -10.68 21.68 -1.39
C GLY D 54 -11.26 22.16 -0.10
N SER D 55 -11.67 23.43 -0.19
CA SER D 55 -12.12 24.07 1.05
C SER D 55 -13.46 23.53 1.53
N GLN D 56 -14.19 22.79 0.68
CA GLN D 56 -15.43 22.15 1.11
C GLN D 56 -15.17 20.92 1.99
N HIS D 57 -13.94 20.45 2.05
CA HIS D 57 -13.58 19.28 2.82
C HIS D 57 -13.08 19.69 4.20
N ILE D 58 -13.44 18.91 5.21
CA ILE D 58 -12.85 19.12 6.54
C ILE D 58 -11.63 18.25 6.67
N ASP D 59 -10.80 18.53 7.65
CA ASP D 59 -9.49 17.87 7.78
C ASP D 59 -9.60 16.36 7.88
N SER D 60 -10.58 15.87 8.63
CA SER D 60 -10.77 14.44 8.75
C SER D 60 -11.05 13.76 7.43
N GLN D 61 -11.49 14.49 6.42
CA GLN D 61 -11.74 13.84 5.12
C GLN D 61 -10.48 13.67 4.30
N LYS D 62 -9.41 14.39 4.64
CA LYS D 62 -8.24 14.34 3.74
C LYS D 62 -7.71 12.93 3.58
N LYS D 63 -7.51 12.20 4.68
CA LYS D 63 -6.97 10.85 4.59
C LYS D 63 -7.96 9.93 3.89
N ALA D 64 -9.25 10.15 4.09
CA ALA D 64 -10.30 9.34 3.50
C ALA D 64 -10.39 9.54 1.99
N ILE D 65 -10.14 10.74 1.51
CA ILE D 65 -10.08 10.96 0.06
C ILE D 65 -8.94 10.14 -0.54
N GLU D 66 -7.77 10.15 0.10
CA GLU D 66 -6.64 9.37 -0.44
C GLU D 66 -6.95 7.88 -0.40
N ARG D 67 -7.58 7.42 0.69
CA ARG D 67 -7.97 6.00 0.75
C ARG D 67 -8.95 5.61 -0.34
N MET D 68 -9.91 6.52 -0.64
CA MET D 68 -10.91 6.20 -1.67
C MET D 68 -10.23 5.98 -3.02
N LYS D 69 -9.27 6.85 -3.36
CA LYS D 69 -8.54 6.64 -4.62
C LYS D 69 -7.78 5.32 -4.62
N ASP D 70 -7.20 4.95 -3.47
CA ASP D 70 -6.56 3.64 -3.35
C ASP D 70 -7.57 2.53 -3.59
N THR D 71 -8.74 2.65 -2.98
CA THR D 71 -9.77 1.64 -3.13
C THR D 71 -10.24 1.48 -4.59
N LEU D 72 -10.45 2.62 -5.24
CA LEU D 72 -10.93 2.53 -6.65
C LEU D 72 -9.91 1.87 -7.52
N ARG D 73 -8.64 2.18 -7.31
CA ARG D 73 -7.61 1.61 -8.18
C ARG D 73 -7.54 0.11 -8.04
N ILE D 74 -7.51 -0.35 -6.78
CA ILE D 74 -7.39 -1.79 -6.57
C ILE D 74 -8.69 -2.50 -6.92
N ALA D 75 -9.86 -1.91 -6.72
CA ALA D 75 -11.13 -2.47 -7.21
C ALA D 75 -11.06 -2.64 -8.72
N TYR D 76 -10.59 -1.58 -9.41
CA TYR D 76 -10.48 -1.65 -10.88
C TYR D 76 -9.58 -2.82 -11.29
N LEU D 77 -8.40 -2.90 -10.69
CA LEU D 77 -7.40 -3.88 -11.08
C LEU D 77 -7.82 -5.31 -10.77
N THR D 78 -8.58 -5.50 -9.72
CA THR D 78 -9.05 -6.83 -9.36
C THR D 78 -10.41 -7.17 -9.97
N GLU D 79 -11.05 -6.25 -10.71
CA GLU D 79 -12.38 -6.45 -11.27
C GLU D 79 -13.45 -6.73 -10.21
N ALA D 80 -13.21 -6.11 -9.05
CA ALA D 80 -14.17 -6.26 -7.97
C ALA D 80 -15.49 -5.62 -8.34
N LYS D 81 -16.61 -6.31 -8.11
CA LYS D 81 -17.92 -5.71 -8.39
C LYS D 81 -18.22 -4.63 -7.36
N VAL D 82 -18.58 -3.48 -7.86
CA VAL D 82 -19.08 -2.39 -7.08
C VAL D 82 -20.60 -2.57 -6.97
N GLU D 83 -21.08 -2.59 -5.73
CA GLU D 83 -22.51 -2.68 -5.51
C GLU D 83 -23.14 -1.29 -5.70
N LYS D 84 -22.85 -0.35 -4.81
CA LYS D 84 -23.41 0.98 -4.80
C LYS D 84 -22.32 2.03 -4.61
N LEU D 85 -22.64 3.21 -5.15
CA LEU D 85 -21.95 4.43 -4.84
C LEU D 85 -22.94 5.42 -4.23
N CYS D 86 -22.54 6.05 -3.14
CA CYS D 86 -23.17 7.25 -2.65
C CYS D 86 -22.41 8.45 -3.21
N VAL D 87 -23.11 9.37 -3.89
CA VAL D 87 -22.46 10.49 -4.56
C VAL D 87 -23.16 11.79 -4.21
N TRP D 88 -22.37 12.85 -4.28
CA TRP D 88 -22.93 14.19 -4.35
C TRP D 88 -23.28 14.55 -5.78
N ASN D 89 -24.51 14.99 -5.97
CA ASN D 89 -25.05 15.22 -7.31
C ASN D 89 -25.06 16.69 -7.68
N ASN D 90 -24.44 17.51 -6.86
CA ASN D 90 -24.26 18.92 -7.18
C ASN D 90 -22.89 19.19 -7.80
N LYS D 91 -22.26 18.15 -8.31
CA LYS D 91 -20.97 18.20 -8.99
C LYS D 91 -21.07 17.38 -10.28
N THR D 92 -20.27 17.73 -11.27
CA THR D 92 -20.17 16.94 -12.51
C THR D 92 -18.72 16.62 -12.78
N PRO D 93 -18.30 15.36 -12.91
CA PRO D 93 -19.09 14.17 -12.63
C PRO D 93 -19.51 14.10 -11.15
N HIS D 94 -20.56 13.31 -10.93
CA HIS D 94 -20.97 13.15 -9.53
C HIS D 94 -19.77 12.72 -8.68
N ALA D 95 -19.72 13.24 -7.47
CA ALA D 95 -18.58 13.11 -6.58
C ALA D 95 -18.82 12.00 -5.57
N ILE D 96 -17.89 11.05 -5.51
CA ILE D 96 -18.03 9.91 -4.62
C ILE D 96 -17.86 10.32 -3.16
N ALA D 97 -18.89 9.93 -2.38
CA ALA D 97 -18.88 10.02 -0.93
C ALA D 97 -18.64 8.68 -0.27
N ALA D 98 -19.16 7.60 -0.84
CA ALA D 98 -18.97 6.26 -0.25
C ALA D 98 -19.12 5.22 -1.35
N ILE D 99 -18.53 4.03 -1.11
CA ILE D 99 -18.60 2.92 -2.00
C ILE D 99 -18.93 1.65 -1.22
N SER D 100 -19.73 0.76 -1.81
CA SER D 100 -19.93 -0.57 -1.28
C SER D 100 -19.58 -1.61 -2.33
N MET D 101 -18.93 -2.68 -1.88
CA MET D 101 -18.54 -3.79 -2.75
C MET D 101 -19.14 -5.05 -2.15
N ALA D 102 -19.80 -5.81 -3.02
CA ALA D 102 -20.38 -7.09 -2.66
C ALA D 102 -20.37 -7.91 -3.93
N ASN D 103 -20.08 -9.20 -3.87
CA ASN D 103 -19.65 -9.88 -5.10
C ASN D 103 -20.82 -10.02 -6.07
N THR E 1 2.85 -9.94 26.61
CA THR E 1 1.86 -9.28 25.73
C THR E 1 0.90 -10.36 25.34
N PRO E 2 -0.28 -10.08 24.82
CA PRO E 2 -1.20 -11.15 24.48
C PRO E 2 -0.68 -12.19 23.49
N GLN E 3 -1.07 -13.42 23.78
CA GLN E 3 -0.74 -14.51 22.87
C GLN E 3 -1.70 -14.61 21.71
N ASN E 4 -2.89 -14.07 21.81
CA ASN E 4 -3.95 -14.27 20.84
C ASN E 4 -5.03 -13.22 21.02
N ILE E 5 -5.94 -13.20 20.05
CA ILE E 5 -6.99 -12.17 20.08
C ILE E 5 -7.92 -12.30 21.27
N THR E 6 -8.14 -13.52 21.76
CA THR E 6 -9.11 -13.70 22.84
C THR E 6 -8.53 -13.06 24.08
N ASP E 7 -7.25 -13.34 24.37
CA ASP E 7 -6.63 -12.75 25.57
C ASP E 7 -6.53 -11.24 25.42
N LEU E 8 -6.20 -10.73 24.22
CA LEU E 8 -6.13 -9.27 24.03
C LEU E 8 -7.49 -8.66 24.33
N CYS E 9 -8.54 -9.24 23.74
CA CYS E 9 -9.88 -8.67 23.85
C CYS E 9 -10.31 -8.55 25.30
N ALA E 10 -9.88 -9.55 26.09
CA ALA E 10 -10.27 -9.63 27.49
C ALA E 10 -9.67 -8.53 28.34
N GLU E 11 -8.65 -7.84 27.87
CA GLU E 11 -8.04 -6.71 28.57
C GLU E 11 -8.89 -5.45 28.60
N TYR E 12 -9.99 -5.40 27.86
CA TYR E 12 -10.82 -4.20 27.69
C TYR E 12 -12.22 -4.43 28.17
N HIS E 13 -12.84 -3.38 28.71
CA HIS E 13 -14.27 -3.45 28.98
C HIS E 13 -15.10 -3.27 27.71
N ASN E 14 -16.35 -3.68 27.73
CA ASN E 14 -17.32 -3.52 26.67
C ASN E 14 -16.93 -4.27 25.42
N THR E 15 -16.18 -5.37 25.55
CA THR E 15 -15.77 -6.10 24.36
C THR E 15 -16.36 -7.51 24.37
N GLN E 16 -16.39 -8.08 23.17
CA GLN E 16 -16.68 -9.49 22.98
C GLN E 16 -16.00 -9.97 21.68
N ILE E 17 -15.83 -11.29 21.70
CA ILE E 17 -15.36 -12.01 20.54
C ILE E 17 -16.55 -12.54 19.72
N HIS E 18 -16.44 -12.25 18.42
CA HIS E 18 -17.28 -12.88 17.42
C HIS E 18 -16.42 -13.86 16.61
N THR E 19 -16.90 -15.09 16.49
CA THR E 19 -16.22 -16.12 15.72
C THR E 19 -16.96 -16.38 14.41
N LEU E 20 -16.25 -16.08 13.33
CA LEU E 20 -16.88 -16.08 12.03
C LEU E 20 -16.46 -17.23 11.17
N ASN E 21 -15.16 -17.46 11.12
CA ASN E 21 -14.61 -18.47 10.25
C ASN E 21 -15.20 -18.39 8.85
N ASP E 22 -15.23 -17.16 8.31
CA ASP E 22 -15.78 -16.93 6.98
C ASP E 22 -15.17 -15.68 6.35
N LYS E 23 -15.21 -15.61 5.03
CA LYS E 23 -14.76 -14.41 4.33
C LYS E 23 -15.76 -13.28 4.54
N ILE E 24 -15.31 -12.06 4.29
CA ILE E 24 -16.17 -10.88 4.36
C ILE E 24 -17.11 -10.88 3.16
N PHE E 25 -18.40 -10.64 3.37
CA PHE E 25 -19.37 -10.59 2.30
C PHE E 25 -19.49 -9.24 1.62
N SER E 26 -19.37 -8.16 2.40
CA SER E 26 -19.35 -6.83 1.77
C SER E 26 -18.44 -5.89 2.55
N TYR E 27 -17.93 -4.91 1.82
CA TYR E 27 -17.00 -3.90 2.29
C TYR E 27 -17.54 -2.53 1.85
N THR E 28 -17.73 -1.63 2.75
CA THR E 28 -18.20 -0.27 2.50
C THR E 28 -17.24 0.73 3.13
N GLU E 29 -16.90 1.76 2.39
CA GLU E 29 -16.08 2.81 2.99
C GLU E 29 -16.61 4.16 2.55
N SER E 30 -16.44 5.13 3.46
CA SER E 30 -16.96 6.49 3.30
C SER E 30 -15.93 7.57 3.56
N LEU E 31 -15.95 8.61 2.72
CA LEU E 31 -15.15 9.79 2.97
C LEU E 31 -16.02 10.95 3.40
N ALA E 32 -17.29 10.81 3.56
CA ALA E 32 -18.24 11.85 3.92
C ALA E 32 -17.89 12.40 5.31
N GLY E 33 -18.02 13.73 5.46
CA GLY E 33 -17.55 14.38 6.66
C GLY E 33 -18.28 13.87 7.89
N LYS E 34 -17.49 13.54 8.89
CA LYS E 34 -17.98 13.05 10.18
C LYS E 34 -18.40 11.58 10.08
N ARG E 35 -18.32 10.97 8.92
CA ARG E 35 -18.58 9.56 8.70
C ARG E 35 -17.44 8.92 7.92
N GLU E 36 -16.19 9.24 8.28
CA GLU E 36 -15.01 8.66 7.61
C GLU E 36 -14.73 7.32 8.28
N MET E 37 -15.39 6.29 7.77
CA MET E 37 -15.53 5.00 8.40
C MET E 37 -15.57 3.87 7.37
N ALA E 38 -15.47 2.65 7.87
CA ALA E 38 -15.68 1.46 7.07
C ALA E 38 -16.71 0.60 7.78
N ILE E 39 -17.45 -0.15 6.96
CA ILE E 39 -18.47 -1.10 7.43
C ILE E 39 -18.25 -2.41 6.66
N ILE E 40 -18.23 -3.52 7.40
CA ILE E 40 -18.19 -4.82 6.75
C ILE E 40 -19.40 -5.63 7.21
N THR E 41 -19.81 -6.58 6.35
CA THR E 41 -20.79 -7.56 6.74
C THR E 41 -20.30 -8.95 6.34
N PHE E 42 -20.92 -9.93 6.99
CA PHE E 42 -20.75 -11.33 6.69
C PHE E 42 -22.03 -11.88 6.08
N LYS E 43 -21.96 -13.05 5.47
CA LYS E 43 -23.10 -13.59 4.71
C LYS E 43 -24.40 -13.71 5.53
N ASN E 44 -24.25 -14.03 6.81
CA ASN E 44 -25.38 -14.17 7.73
C ASN E 44 -26.01 -12.83 8.07
N GLY E 45 -25.38 -11.75 7.71
CA GLY E 45 -25.88 -10.39 7.87
C GLY E 45 -25.20 -9.58 8.94
N ALA E 46 -24.44 -10.20 9.81
CA ALA E 46 -23.77 -9.51 10.88
C ALA E 46 -22.88 -8.41 10.34
N THR E 47 -22.97 -7.25 10.96
CA THR E 47 -22.37 -6.01 10.50
C THR E 47 -21.44 -5.43 11.57
N PHE E 48 -20.32 -4.88 11.14
CA PHE E 48 -19.27 -4.35 12.02
C PHE E 48 -18.71 -3.07 11.43
N GLN E 49 -18.28 -2.14 12.28
CA GLN E 49 -17.67 -0.91 11.79
C GLN E 49 -16.22 -0.77 12.25
N VAL E 50 -15.45 -0.01 11.48
CA VAL E 50 -14.28 0.68 11.98
C VAL E 50 -14.72 2.11 12.25
N GLU E 51 -14.69 2.50 13.54
CA GLU E 51 -15.27 3.80 13.90
C GLU E 51 -14.50 4.95 13.30
N VAL E 52 -15.23 6.05 13.10
CA VAL E 52 -14.61 7.32 12.81
C VAL E 52 -13.64 7.67 13.95
N PRO E 53 -12.44 8.13 13.67
CA PRO E 53 -11.54 8.53 14.74
C PRO E 53 -12.13 9.67 15.53
N GLY E 54 -11.95 9.81 16.80
CA GLY E 54 -12.63 10.59 17.77
C GLY E 54 -11.94 10.63 19.12
N SER E 55 -12.60 11.39 19.99
CA SER E 55 -11.94 11.69 21.26
C SER E 55 -11.77 10.45 22.14
N GLN E 56 -12.46 9.36 21.88
CA GLN E 56 -12.24 8.14 22.65
C GLN E 56 -10.95 7.43 22.32
N HIS E 57 -10.34 7.83 21.22
CA HIS E 57 -9.12 7.21 20.71
C HIS E 57 -7.90 7.98 21.18
N ILE E 58 -6.90 7.24 21.66
CA ILE E 58 -5.63 7.85 22.01
C ILE E 58 -4.80 7.94 20.74
N ASP E 59 -3.76 8.76 20.79
CA ASP E 59 -3.04 9.12 19.58
C ASP E 59 -2.46 7.93 18.88
N SER E 60 -1.92 6.98 19.61
CA SER E 60 -1.34 5.77 19.01
C SER E 60 -2.34 4.93 18.24
N GLN E 61 -3.61 5.08 18.51
CA GLN E 61 -4.63 4.33 17.79
C GLN E 61 -4.90 4.86 16.39
N LYS E 62 -4.57 6.12 16.09
CA LYS E 62 -4.97 6.69 14.82
C LYS E 62 -4.31 5.92 13.69
N LYS E 63 -3.00 5.62 13.77
CA LYS E 63 -2.35 4.86 12.71
C LYS E 63 -2.94 3.45 12.60
N ALA E 64 -3.29 2.86 13.73
CA ALA E 64 -3.79 1.51 13.75
C ALA E 64 -5.20 1.48 13.16
N ILE E 65 -6.00 2.52 13.32
CA ILE E 65 -7.32 2.58 12.69
C ILE E 65 -7.18 2.56 11.17
N GLU E 66 -6.24 3.35 10.63
CA GLU E 66 -5.99 3.38 9.19
C GLU E 66 -5.54 2.01 8.73
N ARG E 67 -4.64 1.36 9.48
CA ARG E 67 -4.18 0.02 9.10
C ARG E 67 -5.32 -0.97 9.05
N MET E 68 -6.22 -0.89 10.04
CA MET E 68 -7.37 -1.84 10.09
C MET E 68 -8.23 -1.72 8.84
N LYS E 69 -8.50 -0.47 8.40
CA LYS E 69 -9.29 -0.34 7.17
C LYS E 69 -8.54 -0.91 5.96
N ASP E 70 -7.22 -0.74 5.91
CA ASP E 70 -6.39 -1.35 4.87
C ASP E 70 -6.58 -2.87 4.91
N THR E 71 -6.51 -3.43 6.13
CA THR E 71 -6.58 -4.89 6.29
C THR E 71 -7.93 -5.43 5.87
N LEU E 72 -9.00 -4.74 6.26
CA LEU E 72 -10.32 -5.23 5.90
C LEU E 72 -10.54 -5.18 4.37
N ARG E 73 -10.04 -4.14 3.72
CA ARG E 73 -10.20 -4.04 2.27
C ARG E 73 -9.46 -5.18 1.58
N ILE E 74 -8.21 -5.42 1.93
CA ILE E 74 -7.50 -6.49 1.23
C ILE E 74 -8.02 -7.86 1.63
N ALA E 75 -8.40 -8.07 2.89
CA ALA E 75 -9.03 -9.31 3.26
C ALA E 75 -10.27 -9.55 2.38
N TYR E 76 -11.10 -8.51 2.20
CA TYR E 76 -12.29 -8.63 1.38
C TYR E 76 -11.95 -9.05 -0.03
N LEU E 77 -11.02 -8.31 -0.64
CA LEU E 77 -10.68 -8.53 -2.04
C LEU E 77 -10.01 -9.87 -2.27
N THR E 78 -9.30 -10.37 -1.28
CA THR E 78 -8.63 -11.69 -1.42
C THR E 78 -9.51 -12.83 -0.92
N GLU E 79 -10.70 -12.58 -0.39
CA GLU E 79 -11.59 -13.60 0.13
C GLU E 79 -10.93 -14.37 1.28
N ALA E 80 -10.07 -13.69 2.04
CA ALA E 80 -9.43 -14.31 3.19
C ALA E 80 -10.45 -14.61 4.30
N LYS E 81 -10.37 -15.83 4.84
CA LYS E 81 -11.23 -16.18 5.96
C LYS E 81 -10.86 -15.38 7.21
N VAL E 82 -11.86 -14.72 7.79
CA VAL E 82 -11.78 -14.09 9.07
C VAL E 82 -12.11 -15.15 10.12
N GLU E 83 -11.20 -15.33 11.07
CA GLU E 83 -11.45 -16.26 12.17
C GLU E 83 -12.32 -15.58 13.22
N LYS E 84 -11.80 -14.54 13.90
CA LYS E 84 -12.47 -13.85 14.98
C LYS E 84 -12.34 -12.33 14.80
N LEU E 85 -13.29 -11.63 15.35
CA LEU E 85 -13.24 -10.20 15.57
C LEU E 85 -13.36 -9.95 17.07
N CYS E 86 -12.55 -9.05 17.61
CA CYS E 86 -12.78 -8.47 18.93
C CYS E 86 -13.46 -7.15 18.70
N VAL E 87 -14.59 -6.93 19.32
CA VAL E 87 -15.37 -5.71 19.05
C VAL E 87 -15.81 -5.11 20.39
N TRP E 88 -16.01 -3.78 20.31
CA TRP E 88 -16.71 -3.06 21.36
C TRP E 88 -18.22 -3.13 21.07
N ASN E 89 -18.97 -3.64 22.04
CA ASN E 89 -20.38 -3.89 21.84
C ASN E 89 -21.27 -2.79 22.41
N ASN E 90 -20.66 -1.68 22.81
CA ASN E 90 -21.43 -0.50 23.21
C ASN E 90 -21.64 0.47 22.06
N LYS E 91 -21.38 0.07 20.84
CA LYS E 91 -21.58 0.84 19.63
C LYS E 91 -22.42 0.03 18.64
N THR E 92 -23.13 0.68 17.75
CA THR E 92 -23.91 -0.01 16.74
C THR E 92 -23.52 0.60 15.41
N PRO E 93 -23.05 -0.17 14.43
CA PRO E 93 -22.61 -1.55 14.51
C PRO E 93 -21.46 -1.73 15.51
N HIS E 94 -21.29 -2.94 15.99
CA HIS E 94 -20.18 -3.21 16.90
C HIS E 94 -18.90 -2.70 16.25
N ALA E 95 -18.03 -2.13 17.03
CA ALA E 95 -16.81 -1.48 16.60
C ALA E 95 -15.59 -2.39 16.69
N ILE E 96 -14.88 -2.56 15.59
CA ILE E 96 -13.75 -3.50 15.60
C ILE E 96 -12.57 -2.97 16.37
N ALA E 97 -12.10 -3.80 17.31
CA ALA E 97 -10.86 -3.58 18.03
C ALA E 97 -9.70 -4.42 17.51
N ALA E 98 -9.96 -5.64 17.06
CA ALA E 98 -8.92 -6.51 16.55
C ALA E 98 -9.54 -7.56 15.62
N ILE E 99 -8.68 -8.11 14.76
CA ILE E 99 -9.09 -9.13 13.83
C ILE E 99 -8.06 -10.27 13.82
N SER E 100 -8.53 -11.50 13.68
CA SER E 100 -7.65 -12.63 13.43
C SER E 100 -8.13 -13.29 12.13
N MET E 101 -7.15 -13.69 11.32
CA MET E 101 -7.36 -14.42 10.08
C MET E 101 -6.63 -15.75 10.16
N ALA E 102 -7.34 -16.82 9.80
CA ALA E 102 -6.74 -18.13 9.78
C ALA E 102 -7.60 -18.98 8.82
N ASN E 103 -6.99 -19.94 8.20
CA ASN E 103 -7.62 -20.79 7.20
C ASN E 103 -8.58 -21.79 7.86
#